data_3Q5Z
#
_entry.id   3Q5Z
#
_cell.length_a   117.340
_cell.length_b   70.553
_cell.length_c   43.014
_cell.angle_alpha   90.000
_cell.angle_beta   90.000
_cell.angle_gamma   90.000
#
_symmetry.space_group_name_H-M   'P 21 21 2'
#
loop_
_entity.id
_entity.type
_entity.pdbx_description
1 polymer ROP5B
2 non-polymer 1,2-ETHANEDIOL
3 water water
#
_entity_poly.entity_id   1
_entity_poly.type   'polypeptide(L)'
_entity_poly.pdbx_seq_one_letter_code
;GSHMEAGDSFMRDLLKREEELIGYCREEALKEPAAMVEAVTATVWPQNAETTVDSLLSQGERKLKLVEPLRVGDRSVVFL
VRDVERLEDFALKVFTMGAENSRSELERLHEATFAAARLLGESPEEARDRRRLLLPSDAVAVQSQPPFAQLSPGQDDYAV
ANYLLLMPAASVDLELLFSTLDFVYVFRGDEGILALHILTAQLIRLAANLQSKGLVHGHFTPDNLFIMPDGRLMLGDVSA
LWKVGTRGPASSVPVTYAPREFLNASTATFTHALNAWQLGLSIYRVWCLFLPFGLVTPGIKGSWKRPSLRVPGTDSLAFG
SCTPLPDFVKTLIGRFLNFDRRRRLLPLEAMETPEFLQLQNEISSSLSTGQ
;
_entity_poly.pdbx_strand_id   A
#
# COMPACT_ATOMS: atom_id res chain seq x y z
N ALA A 6 18.21 -8.37 -6.36
CA ALA A 6 18.30 -7.31 -5.35
C ALA A 6 19.54 -6.39 -5.54
N GLY A 7 19.40 -5.23 -6.21
CA GLY A 7 18.12 -4.75 -6.71
C GLY A 7 17.38 -3.99 -5.61
N ASP A 8 17.20 -4.65 -4.46
CA ASP A 8 16.68 -3.99 -3.25
C ASP A 8 17.63 -2.88 -2.82
N SER A 9 18.92 -3.15 -2.99
CA SER A 9 20.00 -2.21 -2.64
C SER A 9 19.96 -1.00 -3.56
N PHE A 10 19.74 -1.26 -4.83
CA PHE A 10 19.59 -0.17 -5.77
C PHE A 10 18.39 0.70 -5.37
N MET A 11 17.25 0.08 -5.08
CA MET A 11 16.07 0.88 -4.81
C MET A 11 16.29 1.64 -3.52
N ARG A 12 16.96 0.98 -2.58
CA ARG A 12 17.28 1.60 -1.32
C ARG A 12 18.01 2.92 -1.53
N ASP A 13 19.03 2.93 -2.41
CA ASP A 13 19.87 4.15 -2.58
C ASP A 13 19.08 5.17 -3.33
N LEU A 14 18.35 4.71 -4.32
CA LEU A 14 17.61 5.61 -5.16
C LEU A 14 16.61 6.34 -4.26
N LEU A 15 16.01 5.61 -3.31
CA LEU A 15 15.00 6.22 -2.48
C LEU A 15 15.61 7.26 -1.53
N LYS A 16 16.75 6.92 -0.93
CA LYS A 16 17.49 7.88 -0.10
C LYS A 16 17.62 9.22 -0.84
N ARG A 17 17.89 9.16 -2.14
CA ARG A 17 18.04 10.39 -2.96
C ARG A 17 16.78 11.27 -2.97
N GLU A 18 15.63 10.62 -2.85
CA GLU A 18 14.38 11.31 -3.05
C GLU A 18 13.76 11.71 -1.74
N GLU A 19 14.48 11.44 -0.62
CA GLU A 19 13.91 11.64 0.70
C GLU A 19 13.26 12.99 0.85
N GLU A 20 13.97 14.00 0.41
CA GLU A 20 13.50 15.33 0.69
C GLU A 20 12.21 15.63 -0.06
N LEU A 21 12.15 15.33 -1.35
CA LEU A 21 10.99 15.74 -2.12
C LEU A 21 9.73 14.89 -1.68
N ILE A 22 9.96 13.64 -1.31
CA ILE A 22 8.84 12.76 -0.90
C ILE A 22 8.20 13.38 0.34
N GLY A 23 9.05 13.84 1.24
CA GLY A 23 8.66 14.47 2.48
C GLY A 23 7.83 15.70 2.25
N TYR A 24 8.23 16.51 1.27
CA TYR A 24 7.43 17.65 0.90
C TYR A 24 6.04 17.26 0.34
N CYS A 25 5.99 16.29 -0.60
CA CYS A 25 4.69 15.82 -1.09
C CYS A 25 3.86 15.14 0.05
N ARG A 26 4.56 14.56 1.01
CA ARG A 26 3.91 13.89 2.13
C ARG A 26 3.23 14.94 3.03
N GLU A 27 3.94 16.03 3.32
CA GLU A 27 3.35 17.11 4.13
C GLU A 27 2.19 17.74 3.34
N GLU A 28 2.33 17.86 2.03
CA GLU A 28 1.30 18.54 1.24
C GLU A 28 -0.02 17.75 1.32
N ALA A 29 0.09 16.44 1.31
CA ALA A 29 -1.13 15.61 1.39
C ALA A 29 -1.82 15.66 2.79
N LEU A 30 -1.11 16.09 3.81
CA LEU A 30 -1.71 16.32 5.11
C LEU A 30 -2.48 17.63 5.18
N LYS A 31 -2.30 18.53 4.23
CA LYS A 31 -2.96 19.82 4.35
C LYS A 31 -4.48 19.82 4.41
N GLU A 32 -5.16 19.14 3.49
CA GLU A 32 -6.62 19.15 3.46
C GLU A 32 -7.24 18.49 4.70
N PRO A 33 -6.73 17.31 5.13
CA PRO A 33 -7.21 16.69 6.38
C PRO A 33 -6.51 17.16 7.63
N ALA A 34 -5.98 18.37 7.56
CA ALA A 34 -5.16 18.92 8.63
C ALA A 34 -5.92 19.04 9.95
N ALA A 35 -7.25 19.09 9.87
CA ALA A 35 -8.12 19.24 11.04
C ALA A 35 -8.15 17.93 11.81
N MET A 36 -8.32 16.85 11.06
CA MET A 36 -8.29 15.53 11.65
C MET A 36 -6.88 15.25 12.18
N VAL A 37 -5.84 15.65 11.44
CA VAL A 37 -4.48 15.34 11.87
C VAL A 37 -4.16 16.06 13.15
N GLU A 38 -4.42 17.35 13.15
CA GLU A 38 -4.14 18.14 14.33
C GLU A 38 -4.86 17.57 15.58
N ALA A 39 -6.10 17.12 15.45
CA ALA A 39 -6.89 16.73 16.60
C ALA A 39 -6.66 15.24 17.01
N VAL A 40 -6.21 14.41 16.08
CA VAL A 40 -5.72 13.11 16.44
C VAL A 40 -4.38 13.32 17.18
N THR A 41 -3.57 14.26 16.73
CA THR A 41 -2.23 14.45 17.26
C THR A 41 -2.33 14.88 18.73
N ALA A 42 -3.27 15.78 19.02
CA ALA A 42 -3.43 16.26 20.40
C ALA A 42 -4.18 15.25 21.26
N THR A 43 -4.90 14.32 20.66
CA THR A 43 -5.51 13.26 21.45
C THR A 43 -4.43 12.32 22.02
N VAL A 44 -3.29 12.19 21.34
CA VAL A 44 -2.31 11.20 21.76
C VAL A 44 -1.16 11.89 22.45
N TRP A 45 -0.87 13.09 22.00
CA TRP A 45 0.21 13.87 22.56
C TRP A 45 -0.36 15.23 22.97
N PRO A 46 -1.25 15.20 24.00
CA PRO A 46 -2.03 16.36 24.46
C PRO A 46 -1.16 17.48 25.00
N GLN A 47 -0.05 17.09 25.61
CA GLN A 47 0.67 18.04 26.41
C GLN A 47 2.09 18.12 25.94
N ASN A 48 2.67 16.98 25.65
CA ASN A 48 4.05 17.04 25.28
C ASN A 48 4.33 15.97 24.24
N ALA A 49 5.57 15.89 23.78
CA ALA A 49 5.85 15.08 22.63
C ALA A 49 6.12 13.63 23.02
N GLU A 50 5.94 13.27 24.30
CA GLU A 50 6.29 11.92 24.74
C GLU A 50 5.19 11.32 25.62
N THR A 51 4.68 10.15 25.25
CA THR A 51 3.52 9.52 25.92
C THR A 51 3.89 8.14 26.33
N THR A 52 3.56 7.81 27.58
CA THR A 52 3.69 6.45 28.04
C THR A 52 2.43 5.63 27.83
N VAL A 53 2.64 4.48 27.21
CA VAL A 53 1.58 3.59 26.78
C VAL A 53 1.88 2.20 27.37
N ASP A 54 0.86 1.37 27.51
CA ASP A 54 1.07 -0.03 27.88
C ASP A 54 0.81 -0.90 26.67
N SER A 55 1.64 -1.91 26.45
CA SER A 55 1.39 -2.93 25.43
C SER A 55 0.22 -3.84 25.81
N LEU A 56 -0.69 -4.09 24.87
CA LEU A 56 -1.81 -4.97 25.10
C LEU A 56 -1.35 -6.43 24.97
N LEU A 57 -0.14 -6.63 24.47
CA LEU A 57 0.42 -7.96 24.20
C LEU A 57 1.40 -8.44 25.31
N SER A 58 2.24 -7.56 25.80
CA SER A 58 3.29 -7.95 26.77
C SER A 58 2.98 -7.45 28.18
N GLN A 59 2.03 -6.51 28.27
CA GLN A 59 1.73 -5.76 29.49
C GLN A 59 2.80 -4.74 29.92
N GLY A 60 3.92 -4.68 29.21
CA GLY A 60 4.97 -3.71 29.50
C GLY A 60 4.77 -2.32 28.92
N GLU A 61 5.51 -1.35 29.44
CA GLU A 61 5.33 0.04 29.05
C GLU A 61 6.26 0.36 27.91
N ARG A 62 5.86 1.34 27.14
CA ARG A 62 6.74 1.91 26.15
C ARG A 62 6.54 3.42 26.15
N LYS A 63 7.58 4.15 25.81
CA LYS A 63 7.54 5.60 25.83
C LYS A 63 7.77 6.01 24.39
N LEU A 64 6.80 6.71 23.81
CA LEU A 64 6.81 7.03 22.39
C LEU A 64 6.78 8.53 22.19
N LYS A 65 7.85 9.03 21.58
CA LYS A 65 7.95 10.45 21.22
C LYS A 65 7.48 10.65 19.79
N LEU A 66 6.58 11.60 19.61
CA LEU A 66 6.15 12.00 18.28
C LEU A 66 7.31 12.61 17.52
N VAL A 67 7.56 12.07 16.33
CA VAL A 67 8.47 12.73 15.36
C VAL A 67 7.69 13.58 14.37
N GLU A 68 6.73 12.99 13.66
CA GLU A 68 5.90 13.75 12.71
C GLU A 68 4.71 12.89 12.25
N PRO A 69 3.59 13.53 11.88
CA PRO A 69 2.53 12.78 11.21
C PRO A 69 3.06 12.34 9.85
N LEU A 70 2.67 11.15 9.40
CA LEU A 70 3.08 10.59 8.11
C LEU A 70 1.98 10.54 7.06
N ARG A 71 0.75 10.18 7.43
CA ARG A 71 -0.24 9.82 6.41
C ARG A 71 -1.64 9.72 6.98
N VAL A 72 -2.63 10.04 6.19
CA VAL A 72 -4.00 9.80 6.65
C VAL A 72 -4.64 8.71 5.76
N GLY A 73 -5.48 7.85 6.34
CA GLY A 73 -6.21 6.87 5.56
C GLY A 73 -7.68 6.89 5.99
N ASP A 74 -8.40 5.85 5.60
CA ASP A 74 -9.79 5.66 6.07
C ASP A 74 -9.86 5.53 7.62
N ARG A 75 -10.40 6.53 8.32
CA ARG A 75 -10.56 6.47 9.78
C ARG A 75 -9.20 6.19 10.42
N SER A 76 -8.12 6.74 9.87
CA SER A 76 -6.84 6.48 10.53
C SER A 76 -5.79 7.54 10.23
N VAL A 77 -4.81 7.65 11.11
CA VAL A 77 -3.69 8.52 10.91
C VAL A 77 -2.46 7.74 11.36
N VAL A 78 -1.39 7.87 10.60
CA VAL A 78 -0.16 7.18 10.92
C VAL A 78 0.92 8.23 11.25
N PHE A 79 1.64 8.03 12.33
CA PHE A 79 2.68 8.95 12.81
C PHE A 79 4.01 8.26 12.79
N LEU A 80 5.09 9.02 12.56
CA LEU A 80 6.40 8.48 12.83
C LEU A 80 6.73 8.78 14.28
N VAL A 81 7.21 7.77 15.02
CA VAL A 81 7.45 7.95 16.45
C VAL A 81 8.78 7.35 16.79
N ARG A 82 9.32 7.76 17.92
CA ARG A 82 10.55 7.15 18.45
C ARG A 82 10.31 6.52 19.79
N ASP A 83 10.72 5.26 19.89
CA ASP A 83 10.69 4.59 21.14
C ASP A 83 11.97 5.07 21.80
N VAL A 84 11.81 5.80 22.90
CA VAL A 84 12.95 6.48 23.49
C VAL A 84 13.76 5.58 24.41
N GLU A 85 13.29 4.37 24.72
CA GLU A 85 14.12 3.40 25.42
C GLU A 85 14.88 2.50 24.46
N ARG A 86 14.29 2.18 23.30
CA ARG A 86 14.97 1.29 22.38
C ARG A 86 15.80 2.09 21.37
N LEU A 87 15.62 3.41 21.35
CA LEU A 87 16.29 4.25 20.34
C LEU A 87 16.04 3.71 18.95
N GLU A 88 14.77 3.41 18.66
CA GLU A 88 14.34 2.96 17.34
C GLU A 88 13.09 3.74 16.95
N ASP A 89 12.91 3.92 15.65
CA ASP A 89 11.75 4.63 15.13
C ASP A 89 10.72 3.62 14.59
N PHE A 90 9.45 3.96 14.74
CA PHE A 90 8.36 3.15 14.24
C PHE A 90 7.29 4.00 13.57
N ALA A 91 6.44 3.37 12.76
CA ALA A 91 5.13 3.95 12.41
C ALA A 91 4.11 3.56 13.49
N LEU A 92 3.31 4.55 13.87
CA LEU A 92 2.27 4.33 14.89
C LEU A 92 0.91 4.65 14.25
N LYS A 93 0.00 3.69 14.17
CA LYS A 93 -1.26 3.95 13.48
C LYS A 93 -2.38 4.06 14.51
N VAL A 94 -3.16 5.12 14.38
CA VAL A 94 -4.22 5.46 15.34
C VAL A 94 -5.52 5.46 14.55
N PHE A 95 -6.63 5.06 15.19
CA PHE A 95 -7.89 4.81 14.46
C PHE A 95 -8.95 5.74 15.02
N THR A 96 -9.83 6.22 14.16
CA THR A 96 -10.97 7.00 14.63
C THR A 96 -12.22 6.11 14.60
N MET A 97 -13.29 6.55 15.27
CA MET A 97 -14.43 5.69 15.55
C MET A 97 -15.74 6.07 14.84
N SER A 102 -17.98 -0.89 17.26
CA SER A 102 -16.81 -0.17 16.75
C SER A 102 -15.60 -0.47 17.63
N ARG A 103 -15.87 -0.43 18.93
CA ARG A 103 -14.99 -1.00 19.93
C ARG A 103 -14.75 -2.48 19.61
N SER A 104 -15.78 -3.16 19.09
CA SER A 104 -15.72 -4.58 18.87
C SER A 104 -15.08 -4.87 17.57
N GLU A 105 -15.27 -3.95 16.63
CA GLU A 105 -14.57 -4.00 15.39
C GLU A 105 -13.04 -3.89 15.59
N LEU A 106 -12.61 -3.00 16.48
CA LEU A 106 -11.19 -2.85 16.69
C LEU A 106 -10.65 -4.06 17.47
N GLU A 107 -11.42 -4.58 18.42
CA GLU A 107 -10.97 -5.79 19.11
C GLU A 107 -10.75 -6.92 18.13
N ARG A 108 -11.68 -7.07 17.20
CA ARG A 108 -11.54 -8.09 16.18
C ARG A 108 -10.38 -7.80 15.27
N LEU A 109 -10.21 -6.53 14.87
CA LEU A 109 -9.05 -6.17 14.06
C LEU A 109 -7.77 -6.59 14.80
N HIS A 110 -7.69 -6.29 16.07
CA HIS A 110 -6.48 -6.58 16.87
C HIS A 110 -6.20 -8.06 16.87
N GLU A 111 -7.20 -8.88 17.27
CA GLU A 111 -6.99 -10.33 17.39
C GLU A 111 -6.59 -10.94 16.04
N ALA A 112 -7.32 -10.55 15.02
CA ALA A 112 -7.05 -11.07 13.71
C ALA A 112 -5.69 -10.61 13.16
N THR A 113 -5.32 -9.35 13.40
CA THR A 113 -4.03 -8.85 12.89
C THR A 113 -2.91 -9.65 13.53
N PHE A 114 -2.97 -9.87 14.85
CA PHE A 114 -1.84 -10.53 15.50
C PHE A 114 -1.84 -12.05 15.31
N ALA A 115 -3.02 -12.62 15.11
CA ALA A 115 -3.13 -14.04 14.75
C ALA A 115 -2.50 -14.25 13.37
N ALA A 116 -2.87 -13.40 12.44
CA ALA A 116 -2.38 -13.51 11.06
C ALA A 116 -0.88 -13.32 10.99
N ALA A 117 -0.37 -12.33 11.75
CA ALA A 117 1.05 -12.06 11.85
C ALA A 117 1.84 -13.25 12.38
N ARG A 118 1.34 -13.88 13.45
CA ARG A 118 2.00 -15.07 13.98
C ARG A 118 2.06 -16.19 12.96
N LEU A 119 0.97 -16.38 12.22
CA LEU A 119 0.88 -17.42 11.19
C LEU A 119 1.96 -17.29 10.08
N LEU A 120 2.43 -16.06 9.86
CA LEU A 120 3.47 -15.78 8.84
C LEU A 120 4.87 -15.78 9.43
N ARG A 131 8.81 -12.78 3.38
CA ARG A 131 9.43 -11.55 3.87
C ARG A 131 8.79 -10.41 3.08
N ARG A 132 7.49 -10.53 2.85
CA ARG A 132 6.81 -9.62 1.94
C ARG A 132 5.61 -8.89 2.55
N LEU A 133 5.29 -9.13 3.80
CA LEU A 133 4.15 -8.48 4.40
C LEU A 133 4.62 -7.64 5.58
N LEU A 134 4.19 -6.39 5.61
CA LEU A 134 4.55 -5.48 6.69
C LEU A 134 3.76 -5.94 7.93
N LEU A 135 4.43 -6.45 8.97
CA LEU A 135 3.73 -6.90 10.18
C LEU A 135 3.91 -5.91 11.31
N PRO A 136 2.86 -5.67 12.10
CA PRO A 136 3.02 -4.83 13.30
C PRO A 136 3.79 -5.62 14.36
N SER A 137 4.50 -4.94 15.26
CA SER A 137 5.21 -5.64 16.34
C SER A 137 4.57 -5.43 17.69
N ASP A 138 3.69 -4.44 17.82
CA ASP A 138 3.07 -4.30 19.15
C ASP A 138 1.77 -3.56 19.01
N ALA A 139 0.91 -3.64 20.02
CA ALA A 139 -0.29 -2.81 20.03
C ALA A 139 -0.39 -2.23 21.43
N VAL A 140 -0.72 -0.96 21.54
CA VAL A 140 -0.54 -0.26 22.80
C VAL A 140 -1.74 0.64 23.10
N ALA A 141 -1.85 1.10 24.35
CA ALA A 141 -2.95 1.94 24.73
C ALA A 141 -2.45 2.93 25.77
N VAL A 142 -2.85 4.17 25.60
CA VAL A 142 -2.57 5.16 26.62
C VAL A 142 -3.09 4.67 27.97
N GLN A 143 -2.19 4.69 28.94
CA GLN A 143 -2.59 4.50 30.32
C GLN A 143 -3.80 5.38 30.66
N PRO A 146 -9.49 2.57 29.29
CA PRO A 146 -9.46 1.17 28.88
C PRO A 146 -9.00 1.06 27.43
N PRO A 147 -8.36 -0.06 27.09
CA PRO A 147 -8.07 -0.40 25.69
C PRO A 147 -9.34 -0.40 24.85
N PHE A 148 -9.21 -0.03 23.59
CA PHE A 148 -10.30 -0.02 22.61
C PHE A 148 -11.44 0.99 22.85
N ALA A 149 -11.57 1.52 24.05
CA ALA A 149 -12.56 2.56 24.29
C ALA A 149 -12.06 3.91 23.74
N GLN A 150 -12.98 4.83 23.57
CA GLN A 150 -12.59 6.16 23.16
C GLN A 150 -11.56 6.78 24.13
N LEU A 151 -10.65 7.53 23.57
CA LEU A 151 -9.48 7.96 24.26
C LEU A 151 -9.54 9.49 24.40
N TYR A 158 -13.02 14.87 17.80
CA TYR A 158 -12.81 13.61 17.06
C TYR A 158 -12.88 12.42 17.98
N ALA A 159 -13.07 11.24 17.41
CA ALA A 159 -13.31 10.06 18.25
C ALA A 159 -12.16 9.11 18.05
N VAL A 160 -11.11 9.28 18.81
CA VAL A 160 -9.95 8.38 18.71
C VAL A 160 -10.04 7.14 19.64
N ALA A 161 -9.99 5.93 19.06
CA ALA A 161 -9.95 4.70 19.88
C ALA A 161 -8.65 4.55 20.70
N ASN A 162 -8.72 3.93 21.88
CA ASN A 162 -7.50 3.76 22.65
C ASN A 162 -6.86 2.45 22.22
N TYR A 163 -6.27 2.47 21.03
CA TYR A 163 -5.66 1.29 20.41
C TYR A 163 -4.69 1.83 19.34
N LEU A 164 -3.41 1.71 19.61
CA LEU A 164 -2.36 2.34 18.77
C LEU A 164 -1.45 1.21 18.30
N LEU A 165 -1.32 1.08 16.98
CA LEU A 165 -0.65 -0.04 16.37
C LEU A 165 0.76 0.35 15.89
N LEU A 166 1.75 -0.33 16.46
CA LEU A 166 3.16 -0.08 16.17
C LEU A 166 3.72 -1.06 15.14
N MET A 167 4.48 -0.53 14.19
CA MET A 167 5.00 -1.32 13.08
C MET A 167 6.24 -0.59 12.49
N PRO A 168 6.98 -1.30 11.60
CA PRO A 168 8.10 -0.68 10.92
C PRO A 168 7.62 0.46 10.07
N ALA A 169 8.41 1.52 10.04
CA ALA A 169 8.09 2.62 9.21
C ALA A 169 8.64 2.40 7.80
N ALA A 170 7.79 2.57 6.78
CA ALA A 170 8.21 2.44 5.37
C ALA A 170 8.90 3.73 4.92
N SER A 171 9.72 3.65 3.87
CA SER A 171 10.24 4.89 3.27
C SER A 171 9.13 5.64 2.55
N VAL A 172 8.23 4.88 1.91
CA VAL A 172 7.15 5.54 1.17
C VAL A 172 6.18 4.46 0.75
N ASP A 173 4.92 4.82 0.57
CA ASP A 173 3.94 3.91 -0.06
C ASP A 173 3.83 4.28 -1.55
N LEU A 174 3.32 3.37 -2.40
CA LEU A 174 3.39 3.62 -3.86
C LEU A 174 2.47 4.72 -4.27
N GLU A 175 1.38 4.90 -3.54
CA GLU A 175 0.48 5.98 -3.88
CA GLU A 175 0.46 5.99 -3.80
C GLU A 175 1.21 7.32 -3.70
N LEU A 176 1.96 7.45 -2.63
CA LEU A 176 2.68 8.73 -2.39
C LEU A 176 3.83 8.87 -3.40
N LEU A 177 4.52 7.78 -3.68
CA LEU A 177 5.56 7.76 -4.70
C LEU A 177 4.98 8.30 -6.02
N PHE A 178 3.81 7.82 -6.42
CA PHE A 178 3.23 8.24 -7.70
C PHE A 178 2.87 9.71 -7.66
N SER A 179 2.33 10.16 -6.55
CA SER A 179 2.00 11.60 -6.46
C SER A 179 3.27 12.45 -6.50
N THR A 180 4.33 11.96 -5.87
CA THR A 180 5.62 12.67 -5.94
C THR A 180 6.13 12.79 -7.37
N LEU A 181 6.16 11.66 -8.10
CA LEU A 181 6.62 11.63 -9.50
C LEU A 181 5.76 12.54 -10.34
N ASP A 182 4.51 12.68 -9.97
CA ASP A 182 3.62 13.52 -10.74
C ASP A 182 3.97 14.99 -10.57
N PHE A 183 4.59 15.34 -9.46
CA PHE A 183 5.00 16.72 -9.21
C PHE A 183 6.36 17.01 -9.87
N VAL A 184 7.34 16.14 -9.61
CA VAL A 184 8.63 16.23 -10.27
C VAL A 184 9.02 14.80 -10.59
N TYR A 185 9.15 14.47 -11.86
CA TYR A 185 9.47 13.12 -12.26
C TYR A 185 10.95 12.74 -12.01
N VAL A 186 11.26 12.39 -10.77
CA VAL A 186 12.66 12.18 -10.38
C VAL A 186 13.25 10.82 -10.86
N PHE A 187 12.45 10.00 -11.56
CA PHE A 187 12.99 8.76 -12.13
C PHE A 187 13.38 9.10 -13.57
N ARG A 188 14.63 9.50 -13.77
CA ARG A 188 15.05 9.97 -15.09
C ARG A 188 16.10 9.07 -15.69
N GLY A 189 16.18 9.09 -17.02
CA GLY A 189 17.19 8.32 -17.71
C GLY A 189 17.26 6.92 -17.15
N ASP A 190 18.37 6.23 -17.40
CA ASP A 190 18.42 4.77 -17.26
C ASP A 190 18.29 4.23 -15.83
N GLU A 191 18.71 5.00 -14.82
CA GLU A 191 18.49 4.62 -13.43
C GLU A 191 17.01 4.58 -13.15
N GLY A 192 16.31 5.53 -13.74
CA GLY A 192 14.89 5.67 -13.52
C GLY A 192 14.10 4.62 -14.28
N ILE A 193 14.56 4.31 -15.48
CA ILE A 193 13.96 3.20 -16.22
C ILE A 193 14.14 1.90 -15.48
N LEU A 194 15.34 1.67 -14.92
CA LEU A 194 15.64 0.51 -14.11
C LEU A 194 14.72 0.42 -12.88
N ALA A 195 14.48 1.56 -12.23
CA ALA A 195 13.54 1.56 -11.09
C ALA A 195 12.15 1.16 -11.51
N LEU A 196 11.65 1.65 -12.64
CA LEU A 196 10.31 1.22 -13.06
C LEU A 196 10.27 -0.27 -13.43
N HIS A 197 11.37 -0.80 -13.95
CA HIS A 197 11.43 -2.21 -14.27
C HIS A 197 11.43 -2.96 -12.97
N ILE A 198 12.20 -2.50 -12.01
CA ILE A 198 12.31 -3.25 -10.76
C ILE A 198 10.95 -3.26 -10.03
N LEU A 199 10.22 -2.15 -10.09
CA LEU A 199 8.97 -2.06 -9.34
C LEU A 199 8.01 -3.05 -9.98
N THR A 200 8.03 -3.10 -11.28
CA THR A 200 7.17 -4.01 -12.00
C THR A 200 7.44 -5.45 -11.58
N ALA A 201 8.73 -5.85 -11.56
CA ALA A 201 9.06 -7.23 -11.16
C ALA A 201 8.69 -7.50 -9.71
N GLN A 202 8.91 -6.49 -8.86
CA GLN A 202 8.66 -6.68 -7.43
C GLN A 202 7.12 -6.82 -7.23
N LEU A 203 6.32 -6.04 -7.94
CA LEU A 203 4.84 -6.17 -7.80
C LEU A 203 4.40 -7.58 -8.23
N ILE A 204 4.98 -8.09 -9.30
CA ILE A 204 4.61 -9.42 -9.79
C ILE A 204 5.09 -10.45 -8.84
N ARG A 205 6.33 -10.37 -8.38
CA ARG A 205 6.78 -11.38 -7.44
C ARG A 205 5.94 -11.41 -6.16
N LEU A 206 5.50 -10.24 -5.74
CA LEU A 206 4.78 -10.13 -4.47
C LEU A 206 3.40 -10.78 -4.62
N ALA A 207 2.72 -10.44 -5.71
CA ALA A 207 1.44 -11.08 -5.98
C ALA A 207 1.61 -12.61 -6.17
N ALA A 208 2.71 -13.05 -6.78
CA ALA A 208 2.97 -14.49 -6.99
C ALA A 208 3.24 -15.19 -5.67
N ASN A 209 3.88 -14.46 -4.75
CA ASN A 209 4.09 -15.01 -3.43
C ASN A 209 2.75 -15.33 -2.79
N LEU A 210 1.83 -14.38 -2.85
CA LEU A 210 0.50 -14.55 -2.30
C LEU A 210 -0.10 -15.79 -2.94
N GLN A 211 -0.01 -15.85 -4.26
CA GLN A 211 -0.65 -16.94 -4.93
C GLN A 211 -0.04 -18.26 -4.51
N SER A 212 1.28 -18.32 -4.41
CA SER A 212 2.01 -19.54 -4.00
C SER A 212 1.45 -20.12 -2.75
N LYS A 213 1.02 -19.23 -1.87
CA LYS A 213 0.54 -19.62 -0.58
C LYS A 213 -0.98 -19.79 -0.52
N GLY A 214 -1.67 -19.61 -1.63
CA GLY A 214 -3.10 -19.70 -1.70
C GLY A 214 -3.79 -18.58 -0.94
N LEU A 215 -3.24 -17.37 -1.04
CA LEU A 215 -3.78 -16.23 -0.31
C LEU A 215 -4.27 -15.15 -1.23
N VAL A 216 -5.09 -14.25 -0.70
CA VAL A 216 -5.68 -13.18 -1.48
C VAL A 216 -5.81 -11.96 -0.61
N HIS A 217 -5.65 -10.76 -1.19
CA HIS A 217 -5.75 -9.58 -0.34
C HIS A 217 -6.62 -8.56 -1.04
N GLY A 218 -7.71 -8.10 -0.44
CA GLY A 218 -8.62 -7.21 -1.13
C GLY A 218 -8.05 -5.83 -1.41
N HIS A 219 -6.92 -5.51 -0.78
CA HIS A 219 -6.35 -4.17 -0.91
CA HIS A 219 -6.34 -4.16 -0.92
C HIS A 219 -4.91 -4.24 -1.47
N PHE A 220 -4.70 -4.99 -2.56
CA PHE A 220 -3.36 -5.00 -3.23
C PHE A 220 -3.35 -3.70 -4.09
N THR A 221 -3.23 -2.56 -3.40
CA THR A 221 -3.30 -1.28 -4.03
C THR A 221 -2.14 -0.36 -3.58
N PRO A 222 -1.90 0.70 -4.33
CA PRO A 222 -0.68 1.48 -4.08
C PRO A 222 -0.56 2.09 -2.67
N ASP A 223 -1.67 2.47 -2.09
CA ASP A 223 -1.61 3.00 -0.75
C ASP A 223 -1.40 1.96 0.35
N ASN A 224 -1.26 0.71 -0.06
CA ASN A 224 -1.01 -0.39 0.84
C ASN A 224 0.20 -1.22 0.35
N LEU A 225 0.98 -0.62 -0.55
CA LEU A 225 2.19 -1.22 -1.04
C LEU A 225 3.34 -0.27 -0.63
N PHE A 226 4.31 -0.81 0.09
CA PHE A 226 5.30 0.01 0.81
C PHE A 226 6.73 -0.33 0.41
N ILE A 227 7.54 0.70 0.10
CA ILE A 227 8.95 0.51 -0.08
C ILE A 227 9.65 0.74 1.25
N MET A 228 10.33 -0.30 1.68
CA MET A 228 10.88 -0.24 3.02
C MET A 228 12.28 0.35 2.93
N PRO A 229 12.86 0.73 4.06
CA PRO A 229 14.17 1.42 3.95
C PRO A 229 15.29 0.53 3.35
N ASP A 230 15.09 -0.78 3.31
CA ASP A 230 16.07 -1.68 2.71
C ASP A 230 15.78 -1.90 1.24
N GLY A 231 14.79 -1.19 0.74
CA GLY A 231 14.45 -1.21 -0.68
C GLY A 231 13.44 -2.31 -1.04
N ARG A 232 13.01 -3.10 -0.06
CA ARG A 232 12.07 -4.21 -0.29
C ARG A 232 10.66 -3.69 -0.48
N LEU A 233 9.86 -4.34 -1.34
CA LEU A 233 8.47 -3.95 -1.52
C LEU A 233 7.60 -4.84 -0.65
N MET A 234 6.75 -4.23 0.15
CA MET A 234 5.90 -5.05 1.05
C MET A 234 4.43 -4.69 1.03
N LEU A 235 3.59 -5.63 1.47
CA LEU A 235 2.17 -5.40 1.44
C LEU A 235 1.69 -5.22 2.89
N GLY A 236 0.88 -4.20 3.12
CA GLY A 236 0.38 -3.97 4.45
C GLY A 236 -0.94 -4.65 4.82
N ASP A 237 -1.38 -4.35 6.04
CA ASP A 237 -2.63 -4.91 6.57
C ASP A 237 -2.83 -6.45 6.48
N VAL A 238 -2.11 -7.15 7.33
CA VAL A 238 -2.07 -8.58 7.30
C VAL A 238 -3.46 -9.18 7.66
N SER A 239 -4.27 -8.42 8.42
CA SER A 239 -5.61 -8.84 8.78
C SER A 239 -6.47 -9.08 7.55
N ALA A 240 -6.15 -8.46 6.41
CA ALA A 240 -6.99 -8.62 5.23
C ALA A 240 -6.45 -9.65 4.25
N LEU A 241 -5.48 -10.40 4.75
CA LEU A 241 -4.86 -11.44 4.02
C LEU A 241 -5.58 -12.79 4.22
N TRP A 242 -6.40 -13.17 3.25
CA TRP A 242 -7.24 -14.36 3.38
C TRP A 242 -6.91 -15.53 2.47
N LYS A 243 -7.35 -16.71 2.93
CA LYS A 243 -7.29 -17.93 2.14
C LYS A 243 -8.09 -17.67 0.88
N VAL A 244 -7.56 -18.06 -0.26
CA VAL A 244 -8.25 -17.82 -1.51
C VAL A 244 -9.58 -18.54 -1.47
N GLY A 245 -10.60 -17.97 -2.08
CA GLY A 245 -11.93 -18.54 -2.03
C GLY A 245 -12.77 -17.98 -0.90
N THR A 246 -12.12 -17.31 0.03
CA THR A 246 -12.83 -16.74 1.19
C THR A 246 -13.95 -15.79 0.80
N ARG A 247 -15.08 -15.90 1.47
CA ARG A 247 -16.19 -15.01 1.17
C ARG A 247 -16.20 -13.88 2.15
N GLY A 248 -16.55 -12.68 1.66
CA GLY A 248 -16.39 -11.48 2.46
C GLY A 248 -17.05 -10.22 1.92
N PRO A 249 -17.02 -9.14 2.72
CA PRO A 249 -17.63 -7.88 2.32
C PRO A 249 -16.88 -7.36 1.08
N ALA A 250 -17.63 -7.19 -0.01
CA ALA A 250 -17.10 -6.67 -1.24
C ALA A 250 -16.58 -5.24 -1.02
N SER A 251 -17.18 -4.53 -0.06
CA SER A 251 -16.81 -3.16 0.21
C SER A 251 -15.39 -3.07 0.75
N SER A 252 -14.84 -4.20 1.15
CA SER A 252 -13.45 -4.21 1.60
C SER A 252 -12.50 -3.82 0.46
N VAL A 253 -12.93 -3.90 -0.80
CA VAL A 253 -12.07 -3.51 -1.95
C VAL A 253 -12.27 -2.03 -2.32
N PRO A 254 -11.16 -1.29 -2.54
CA PRO A 254 -11.38 0.10 -2.98
C PRO A 254 -12.18 0.08 -4.26
N VAL A 255 -13.23 0.88 -4.41
CA VAL A 255 -14.09 0.77 -5.59
C VAL A 255 -13.28 0.96 -6.89
N THR A 256 -12.33 1.88 -6.93
CA THR A 256 -11.62 2.12 -8.19
C THR A 256 -10.61 1.01 -8.55
N TYR A 257 -10.30 0.16 -7.59
CA TYR A 257 -9.45 -1.00 -7.79
C TYR A 257 -10.26 -2.30 -7.84
N ALA A 258 -11.59 -2.21 -7.94
CA ALA A 258 -12.40 -3.44 -7.95
C ALA A 258 -12.79 -3.74 -9.37
N PRO A 259 -12.55 -4.99 -9.81
CA PRO A 259 -13.06 -5.40 -11.10
C PRO A 259 -14.59 -5.50 -11.01
N ARG A 260 -15.23 -5.59 -12.16
CA ARG A 260 -16.70 -5.63 -12.26
CA ARG A 260 -16.69 -5.57 -12.22
C ARG A 260 -17.36 -6.64 -11.34
N GLU A 261 -16.79 -7.84 -11.24
CA GLU A 261 -17.43 -8.92 -10.45
C GLU A 261 -17.46 -8.61 -8.94
N PHE A 262 -16.73 -7.58 -8.52
CA PHE A 262 -16.81 -7.13 -7.14
C PHE A 262 -17.79 -5.98 -6.96
N LEU A 263 -18.37 -5.52 -8.04
CA LEU A 263 -19.30 -4.41 -7.94
C LEU A 263 -20.76 -4.92 -7.88
N THR A 267 -21.79 -9.75 -0.32
CA THR A 267 -20.62 -10.59 -0.12
C THR A 267 -20.03 -11.08 -1.44
N ALA A 268 -18.72 -11.19 -1.52
CA ALA A 268 -18.09 -11.72 -2.72
C ALA A 268 -17.03 -12.74 -2.37
N THR A 269 -16.65 -13.50 -3.40
CA THR A 269 -15.56 -14.46 -3.32
C THR A 269 -14.19 -13.84 -3.72
N PHE A 270 -13.26 -13.85 -2.77
CA PHE A 270 -11.93 -13.31 -2.98
C PHE A 270 -11.00 -14.33 -3.67
N THR A 271 -10.63 -14.02 -4.91
CA THR A 271 -10.00 -14.94 -5.82
C THR A 271 -8.60 -14.43 -6.23
N HIS A 272 -7.76 -15.30 -6.77
CA HIS A 272 -6.52 -14.83 -7.40
C HIS A 272 -6.80 -13.88 -8.53
N ALA A 273 -7.92 -14.03 -9.20
CA ALA A 273 -8.24 -13.18 -10.30
C ALA A 273 -8.45 -11.75 -9.80
N LEU A 274 -8.94 -11.60 -8.59
CA LEU A 274 -9.07 -10.23 -8.04
C LEU A 274 -7.68 -9.58 -7.97
N ASN A 275 -6.73 -10.34 -7.46
CA ASN A 275 -5.38 -9.79 -7.33
C ASN A 275 -4.63 -9.68 -8.63
N ALA A 276 -4.92 -10.54 -9.64
CA ALA A 276 -4.32 -10.32 -10.95
C ALA A 276 -4.76 -8.96 -11.49
N TRP A 277 -6.06 -8.70 -11.39
CA TRP A 277 -6.63 -7.43 -11.80
C TRP A 277 -5.92 -6.29 -11.08
N GLN A 278 -5.88 -6.35 -9.75
CA GLN A 278 -5.23 -5.25 -9.04
C GLN A 278 -3.74 -5.11 -9.37
N LEU A 279 -3.07 -6.22 -9.61
CA LEU A 279 -1.66 -6.20 -10.07
C LEU A 279 -1.50 -5.43 -11.38
N GLY A 280 -2.39 -5.73 -12.34
CA GLY A 280 -2.43 -5.01 -13.59
C GLY A 280 -2.59 -3.53 -13.39
N LEU A 281 -3.44 -3.14 -12.45
CA LEU A 281 -3.72 -1.71 -12.22
C LEU A 281 -2.48 -1.03 -11.65
N SER A 282 -1.84 -1.66 -10.66
CA SER A 282 -0.62 -1.07 -10.06
C SER A 282 0.56 -1.02 -11.01
N ILE A 283 0.74 -2.03 -11.84
CA ILE A 283 1.81 -1.94 -12.86
C ILE A 283 1.49 -0.85 -13.84
N TYR A 284 0.22 -0.70 -14.22
CA TYR A 284 -0.12 0.42 -15.12
C TYR A 284 0.28 1.81 -14.49
N ARG A 285 -0.04 1.96 -13.21
CA ARG A 285 0.30 3.18 -12.53
C ARG A 285 1.82 3.37 -12.40
N VAL A 286 2.58 2.30 -12.31
CA VAL A 286 4.04 2.52 -12.23
C VAL A 286 4.53 3.25 -13.46
N TRP A 287 3.95 2.89 -14.61
CA TRP A 287 4.40 3.45 -15.93
C TRP A 287 3.62 4.69 -16.30
N CYS A 288 2.44 4.88 -15.71
CA CYS A 288 1.52 5.89 -16.24
C CYS A 288 1.02 6.88 -15.23
N LEU A 289 1.22 6.53 -13.97
CA LEU A 289 0.74 7.30 -12.76
C LEU A 289 -0.79 7.38 -12.56
N PHE A 290 -1.58 7.73 -13.56
CA PHE A 290 -3.03 7.59 -13.43
C PHE A 290 -3.42 6.13 -13.68
N LEU A 291 -4.63 5.77 -13.22
CA LEU A 291 -5.27 4.47 -13.48
C LEU A 291 -5.70 4.43 -14.93
N PRO A 292 -5.86 3.22 -15.48
CA PRO A 292 -6.39 3.02 -16.84
C PRO A 292 -7.90 3.15 -16.88
N PHE A 293 -8.52 3.12 -18.06
CA PHE A 293 -9.98 3.09 -18.21
C PHE A 293 -10.69 4.38 -17.75
N GLY A 294 -9.95 5.50 -17.64
CA GLY A 294 -10.46 6.76 -17.10
C GLY A 294 -10.75 6.80 -15.61
N LEU A 295 -10.32 5.77 -14.88
CA LEU A 295 -10.69 5.67 -13.48
C LEU A 295 -10.09 6.81 -12.69
N VAL A 296 -10.86 7.36 -11.72
CA VAL A 296 -10.44 8.54 -11.01
C VAL A 296 -9.19 8.21 -10.18
N THR A 297 -8.16 9.04 -10.24
CA THR A 297 -6.90 8.77 -9.52
C THR A 297 -6.47 10.02 -8.76
N PRO A 298 -6.92 10.13 -7.52
CA PRO A 298 -6.67 11.35 -6.76
C PRO A 298 -5.15 11.61 -6.73
N GLY A 299 -4.74 12.88 -6.74
CA GLY A 299 -3.33 13.19 -6.55
C GLY A 299 -2.54 13.16 -7.87
N ILE A 300 -3.22 12.88 -8.97
CA ILE A 300 -2.54 12.83 -10.29
C ILE A 300 -3.22 13.80 -11.21
N LYS A 301 -2.44 14.73 -11.78
CA LYS A 301 -3.02 15.77 -12.63
C LYS A 301 -3.61 15.18 -13.95
N GLY A 302 -2.99 14.15 -14.52
CA GLY A 302 -3.58 13.50 -15.72
C GLY A 302 -4.85 12.60 -15.52
N SER A 303 -5.30 12.46 -14.29
CA SER A 303 -6.44 11.57 -13.99
C SER A 303 -7.73 12.01 -14.68
N TRP A 304 -8.53 11.08 -15.16
CA TRP A 304 -9.89 11.42 -15.57
C TRP A 304 -10.77 11.27 -14.33
N LYS A 305 -12.09 11.13 -14.48
CA LYS A 305 -12.91 11.13 -13.29
C LYS A 305 -14.01 10.08 -13.25
N ARG A 306 -13.78 8.97 -13.93
CA ARG A 306 -14.68 7.81 -13.80
C ARG A 306 -14.61 7.20 -12.39
N PRO A 307 -15.71 7.23 -11.65
CA PRO A 307 -15.71 6.90 -10.23
C PRO A 307 -15.56 5.41 -9.97
N SER A 308 -15.98 4.59 -10.91
CA SER A 308 -15.89 3.13 -10.74
C SER A 308 -16.26 2.52 -12.08
N LEU A 309 -16.11 1.21 -12.20
CA LEU A 309 -16.36 0.53 -13.47
C LEU A 309 -17.87 0.36 -13.60
N ARG A 310 -18.58 0.64 -12.51
CA ARG A 310 -20.05 0.56 -12.43
C ARG A 310 -20.64 1.71 -13.25
N VAL A 311 -19.79 2.70 -13.55
CA VAL A 311 -20.20 3.87 -14.30
C VAL A 311 -19.74 3.68 -15.75
N PRO A 312 -20.63 3.98 -16.72
CA PRO A 312 -20.34 3.90 -18.17
C PRO A 312 -19.07 4.67 -18.55
N GLY A 313 -18.29 4.11 -19.46
CA GLY A 313 -17.01 4.69 -19.87
C GLY A 313 -16.19 3.84 -20.84
N THR A 314 -14.96 4.24 -21.09
CA THR A 314 -14.12 3.54 -22.05
C THR A 314 -13.45 2.41 -21.30
N ASP A 315 -13.73 1.22 -21.78
CA ASP A 315 -13.14 0.02 -21.24
C ASP A 315 -11.95 -0.46 -22.06
N SER A 316 -11.40 0.43 -22.89
CA SER A 316 -10.25 0.06 -23.69
C SER A 316 -8.98 0.43 -22.96
N LEU A 317 -7.96 -0.38 -23.11
CA LEU A 317 -6.68 -0.13 -22.46
C LEU A 317 -5.83 0.75 -23.37
N ALA A 318 -5.33 1.85 -22.83
CA ALA A 318 -4.73 2.89 -23.63
C ALA A 318 -3.46 3.34 -22.96
N PHE A 319 -2.37 3.49 -23.71
CA PHE A 319 -1.10 3.87 -23.10
C PHE A 319 -0.54 5.26 -23.54
N GLY A 320 -1.34 6.04 -24.24
CA GLY A 320 -0.86 7.19 -24.99
C GLY A 320 -0.02 8.21 -24.24
N SER A 321 -0.37 8.41 -22.97
CA SER A 321 0.26 9.44 -22.18
C SER A 321 1.17 8.88 -21.06
N CYS A 322 1.47 7.59 -21.12
CA CYS A 322 2.36 6.97 -20.14
C CYS A 322 3.84 7.26 -20.44
N THR A 323 4.71 7.12 -19.44
CA THR A 323 6.11 6.90 -19.72
C THR A 323 6.15 5.73 -20.71
N PRO A 324 6.94 5.86 -21.81
CA PRO A 324 6.99 4.79 -22.84
C PRO A 324 7.24 3.42 -22.20
N LEU A 325 6.40 2.44 -22.45
CA LEU A 325 6.60 1.14 -21.81
C LEU A 325 7.26 0.19 -22.76
N PRO A 326 8.12 -0.72 -22.26
CA PRO A 326 8.61 -1.89 -23.03
C PRO A 326 7.42 -2.71 -23.46
N ASP A 327 7.49 -3.27 -24.68
CA ASP A 327 6.37 -4.02 -25.21
CA ASP A 327 6.40 -4.06 -25.23
C ASP A 327 6.02 -5.17 -24.26
N PHE A 328 7.03 -5.77 -23.62
CA PHE A 328 6.73 -6.92 -22.81
C PHE A 328 5.93 -6.48 -21.55
N VAL A 329 6.03 -5.21 -21.16
CA VAL A 329 5.24 -4.73 -20.04
C VAL A 329 3.83 -4.48 -20.48
N LYS A 330 3.64 -3.84 -21.65
CA LYS A 330 2.28 -3.58 -22.14
C LYS A 330 1.51 -4.88 -22.26
N THR A 331 2.21 -5.95 -22.65
CA THR A 331 1.58 -7.27 -22.79
C THR A 331 1.18 -7.84 -21.43
N LEU A 332 2.10 -7.79 -20.49
CA LEU A 332 1.79 -8.26 -19.15
C LEU A 332 0.60 -7.50 -18.56
N ILE A 333 0.60 -6.17 -18.69
CA ILE A 333 -0.53 -5.41 -18.22
C ILE A 333 -1.84 -5.83 -18.91
N GLY A 334 -1.82 -6.02 -20.22
CA GLY A 334 -3.04 -6.37 -20.95
C GLY A 334 -3.65 -7.69 -20.52
N ARG A 335 -2.79 -8.63 -20.16
CA ARG A 335 -3.24 -9.97 -19.71
C ARG A 335 -3.76 -9.97 -18.32
N PHE A 336 -3.11 -9.18 -17.46
CA PHE A 336 -3.59 -9.00 -16.10
C PHE A 336 -4.95 -8.32 -16.12
N LEU A 337 -5.15 -7.39 -17.06
CA LEU A 337 -6.33 -6.56 -17.05
C LEU A 337 -7.36 -7.11 -18.05
N ASN A 338 -7.42 -8.43 -18.17
CA ASN A 338 -8.47 -9.03 -18.95
C ASN A 338 -9.78 -8.81 -18.22
N PHE A 339 -10.81 -8.24 -18.85
CA PHE A 339 -12.12 -8.10 -18.19
C PHE A 339 -12.78 -9.42 -17.86
N ASP A 340 -12.46 -10.48 -18.60
CA ASP A 340 -13.01 -11.78 -18.24
C ASP A 340 -12.17 -12.38 -17.12
N ARG A 341 -12.79 -12.56 -15.96
CA ARG A 341 -12.09 -13.03 -14.77
C ARG A 341 -11.44 -14.41 -14.96
N ARG A 342 -12.10 -15.24 -15.76
CA ARG A 342 -11.66 -16.61 -15.93
C ARG A 342 -10.47 -16.63 -16.86
N ARG A 343 -10.19 -15.50 -17.51
CA ARG A 343 -9.09 -15.46 -18.46
C ARG A 343 -7.90 -14.60 -18.02
N ARG A 344 -7.96 -14.04 -16.82
CA ARG A 344 -6.87 -13.15 -16.40
C ARG A 344 -5.62 -13.97 -16.18
N LEU A 345 -4.48 -13.49 -16.66
CA LEU A 345 -3.20 -14.11 -16.32
C LEU A 345 -2.97 -14.03 -14.81
N LEU A 346 -2.64 -15.16 -14.19
CA LEU A 346 -2.26 -15.09 -12.77
C LEU A 346 -0.74 -14.85 -12.61
N PRO A 347 -0.33 -14.26 -11.46
CA PRO A 347 1.09 -13.88 -11.31
C PRO A 347 2.08 -15.06 -11.45
N LEU A 348 1.78 -16.21 -10.85
CA LEU A 348 2.71 -17.34 -10.89
C LEU A 348 2.93 -17.75 -12.31
N GLU A 349 1.83 -17.80 -13.06
CA GLU A 349 1.89 -18.13 -14.48
C GLU A 349 2.60 -17.03 -15.27
N ALA A 350 2.34 -15.74 -14.95
CA ALA A 350 3.10 -14.66 -15.57
C ALA A 350 4.63 -14.82 -15.37
N MET A 351 5.05 -15.39 -14.26
CA MET A 351 6.49 -15.52 -14.06
C MET A 351 7.15 -16.60 -14.98
N GLU A 352 6.33 -17.40 -15.63
CA GLU A 352 6.82 -18.41 -16.59
C GLU A 352 6.71 -17.86 -18.03
N THR A 353 6.20 -16.65 -18.21
CA THR A 353 6.05 -16.13 -19.59
C THR A 353 7.36 -15.50 -20.07
N PRO A 354 7.60 -15.55 -21.41
CA PRO A 354 8.77 -14.88 -22.02
C PRO A 354 8.85 -13.42 -21.59
N GLU A 355 7.69 -12.80 -21.40
CA GLU A 355 7.70 -11.37 -21.05
C GLU A 355 8.36 -11.17 -19.67
N PHE A 356 8.06 -12.05 -18.71
CA PHE A 356 8.59 -11.84 -17.39
C PHE A 356 10.08 -12.18 -17.41
N LEU A 357 10.45 -13.17 -18.21
CA LEU A 357 11.84 -13.56 -18.27
C LEU A 357 12.72 -12.42 -18.80
N GLN A 358 12.18 -11.72 -19.79
CA GLN A 358 12.88 -10.59 -20.41
C GLN A 358 12.99 -9.48 -19.42
N LEU A 359 11.91 -9.19 -18.68
CA LEU A 359 11.95 -8.17 -17.63
C LEU A 359 13.08 -8.48 -16.67
N GLN A 360 13.13 -9.73 -16.20
CA GLN A 360 14.17 -10.04 -15.24
C GLN A 360 15.55 -9.92 -15.90
N ASN A 361 15.65 -10.34 -17.16
CA ASN A 361 16.91 -10.34 -17.87
C ASN A 361 17.42 -8.90 -18.00
N GLU A 362 16.55 -7.98 -18.38
CA GLU A 362 16.91 -6.55 -18.44
C GLU A 362 17.38 -6.03 -17.08
N ILE A 363 16.64 -6.36 -16.03
CA ILE A 363 17.07 -5.93 -14.71
C ILE A 363 18.48 -6.45 -14.36
N SER A 364 18.72 -7.75 -14.61
CA SER A 364 19.96 -8.40 -14.18
C SER A 364 21.13 -7.72 -14.87
N SER A 365 20.92 -7.45 -16.15
CA SER A 365 21.96 -6.93 -17.03
C SER A 365 22.34 -5.50 -16.64
N SER A 366 21.34 -4.72 -16.26
CA SER A 366 21.60 -3.37 -15.80
C SER A 366 22.23 -3.43 -14.42
#